data_6GOK
#
_entry.id   6GOK
#
_cell.length_a   100.282
_cell.length_b   32.805
_cell.length_c   72.661
_cell.angle_alpha   90.00
_cell.angle_beta   90.61
_cell.angle_gamma   90.00
#
_symmetry.space_group_name_H-M   'C 1 2 1'
#
loop_
_entity.id
_entity.type
_entity.pdbx_description
1 polymer 'Ribonuclease pancreatic'
2 non-polymer 'PALLADIUM ION'
3 non-polymer 'N,N-pyridylbenzimidazole derivative-Pd complex'
4 water water
#
_entity_poly.entity_id   1
_entity_poly.type   'polypeptide(L)'
_entity_poly.pdbx_seq_one_letter_code
;KETAAAKFERQHMDSSTSAASSSNYCNQMMKSRNLTKDRCKPVNTFVHESLADVQAVCSQKNVACKNGQTNCYQSYSTMS
ITDCRETGSSKYPNCAYKTTQANKHIIVACEGNPYVPVHFDASV
;
_entity_poly.pdbx_strand_id   A,B
#
loop_
_chem_comp.id
_chem_comp.type
_chem_comp.name
_chem_comp.formula
F6Q non-polymer 'N,N-pyridylbenzimidazole derivative-Pd complex' 'C15 H15 Cl2 N3 O3 Pd S 2'
PD non-polymer 'PALLADIUM ION' 'Pd 2'
#
# COMPACT_ATOMS: atom_id res chain seq x y z
N LYS A 1 -18.36 21.24 5.80
CA LYS A 1 -18.13 19.98 5.04
C LYS A 1 -16.64 19.69 4.84
N GLU A 2 -15.93 19.31 5.92
CA GLU A 2 -14.59 18.73 5.78
C GLU A 2 -14.74 17.32 5.18
N THR A 3 -13.97 17.00 4.14
CA THR A 3 -13.99 15.66 3.54
C THR A 3 -13.44 14.66 4.56
N ALA A 4 -13.97 13.44 4.54
CA ALA A 4 -13.34 12.34 5.29
C ALA A 4 -11.85 12.21 4.96
N ALA A 5 -11.49 12.41 3.70
CA ALA A 5 -10.09 12.26 3.30
C ALA A 5 -9.24 13.37 3.93
N ALA A 6 -9.71 14.61 3.86
CA ALA A 6 -9.04 15.70 4.57
C ALA A 6 -9.05 15.45 6.10
N LYS A 7 -10.19 15.04 6.62
CA LYS A 7 -10.29 14.61 8.00
C LYS A 7 -9.22 13.58 8.35
N PHE A 8 -8.99 12.59 7.49
CA PHE A 8 -7.94 11.60 7.71
C PHE A 8 -6.57 12.21 7.78
N GLU A 9 -6.30 13.15 6.88
CA GLU A 9 -4.99 13.82 6.87
C GLU A 9 -4.77 14.53 8.21
N ARG A 10 -5.77 15.31 8.61
CA ARG A 10 -5.72 16.10 9.84
C ARG A 10 -5.49 15.25 11.07
N GLN A 11 -6.12 14.08 11.09
CA GLN A 11 -6.12 13.25 12.27
C GLN A 11 -4.96 12.24 12.36
N HIS A 12 -4.36 11.89 11.22
CA HIS A 12 -3.40 10.77 11.19
C HIS A 12 -2.06 11.00 10.45
N MET A 13 -2.01 11.95 9.54
CA MET A 13 -0.76 12.26 8.87
C MET A 13 0.04 13.29 9.65
N ASP A 14 1.31 12.94 9.90
CA ASP A 14 2.34 13.91 10.25
C ASP A 14 3.66 13.56 9.54
N SER A 15 3.79 13.99 8.27
CA SER A 15 5.03 13.76 7.50
C SER A 15 6.22 14.63 7.98
N SER A 16 5.93 15.90 8.25
CA SER A 16 6.82 16.92 8.89
C SER A 16 7.95 16.47 9.83
N THR A 17 7.75 15.36 10.54
CA THR A 17 8.86 14.63 11.21
C THR A 17 8.79 13.12 10.95
N SER A 18 9.97 12.49 10.93
CA SER A 18 10.10 11.05 10.67
C SER A 18 9.92 10.18 11.94
N ALA A 19 9.85 10.80 13.12
CA ALA A 19 9.57 10.10 14.38
C ALA A 19 9.11 11.08 15.47
N ALA A 20 8.34 10.57 16.43
CA ALA A 20 7.89 11.36 17.59
C ALA A 20 9.04 11.47 18.56
N SER A 21 9.89 12.46 18.29
CA SER A 21 11.14 12.63 19.02
C SER A 21 10.94 13.15 20.46
N SER A 22 9.68 13.37 20.89
CA SER A 22 9.35 14.00 22.17
C SER A 22 8.19 13.32 22.89
N SER A 23 8.16 13.52 24.21
CA SER A 23 7.06 13.11 25.08
C SER A 23 6.01 14.22 25.19
N ASN A 24 6.39 15.45 24.85
CA ASN A 24 5.43 16.54 24.62
C ASN A 24 4.47 16.15 23.51
N TYR A 25 5.06 15.57 22.44
CA TYR A 25 4.45 15.31 21.12
C TYR A 25 2.94 15.12 21.06
N CYS A 26 2.45 14.07 21.72
CA CYS A 26 1.01 13.81 21.75
C CYS A 26 0.19 14.95 22.36
N ASN A 27 0.60 15.45 23.55
CA ASN A 27 -0.08 16.59 24.16
C ASN A 27 -0.27 17.67 23.13
N GLN A 28 0.84 18.13 22.55
CA GLN A 28 0.77 19.18 21.54
C GLN A 28 -0.13 18.74 20.39
N MET A 29 0.20 17.61 19.77
CA MET A 29 -0.43 17.17 18.51
C MET A 29 -1.93 16.91 18.61
N MET A 30 -2.35 16.21 19.64
CA MET A 30 -3.78 16.00 19.86
C MET A 30 -4.57 17.33 19.98
N LYS A 31 -3.97 18.31 20.62
CA LYS A 31 -4.60 19.62 20.73
C LYS A 31 -4.51 20.38 19.40
N SER A 32 -3.30 20.48 18.83
CA SER A 32 -3.07 21.09 17.51
C SER A 32 -4.05 20.63 16.42
N ARG A 33 -4.38 19.33 16.41
CA ARG A 33 -5.25 18.73 15.36
C ARG A 33 -6.76 18.70 15.68
N ASN A 34 -7.14 19.41 16.76
CA ASN A 34 -8.50 19.54 17.23
C ASN A 34 -9.08 18.22 17.66
N LEU A 35 -8.25 17.34 18.22
CA LEU A 35 -8.77 16.07 18.73
C LEU A 35 -9.18 16.18 20.22
N THR A 36 -9.20 17.41 20.74
CA THR A 36 -9.62 17.73 22.10
C THR A 36 -10.68 18.87 22.19
N LYS A 37 -11.48 19.04 21.14
CA LYS A 37 -12.48 20.13 21.10
C LYS A 37 -13.87 19.73 21.64
N ASP A 38 -14.30 18.51 21.36
CA ASP A 38 -15.54 17.97 21.93
C ASP A 38 -15.29 17.27 23.26
N ARG A 39 -14.13 16.62 23.36
CA ARG A 39 -13.79 15.79 24.50
C ARG A 39 -12.32 15.43 24.39
N CYS A 40 -11.80 14.64 25.33
CA CYS A 40 -10.49 14.04 25.13
C CYS A 40 -10.69 12.78 24.26
N LYS A 41 -10.16 12.79 23.04
CA LYS A 41 -10.15 11.58 22.23
C LYS A 41 -9.28 10.57 22.95
N PRO A 42 -9.85 9.41 23.36
CA PRO A 42 -9.10 8.43 24.16
C PRO A 42 -7.79 7.90 23.52
N VAL A 43 -7.82 7.55 22.22
CA VAL A 43 -6.64 7.03 21.48
C VAL A 43 -6.55 7.58 20.04
N ASN A 44 -5.36 8.06 19.63
CA ASN A 44 -5.10 8.43 18.23
C ASN A 44 -3.72 7.99 17.79
N THR A 45 -3.59 7.66 16.51
CA THR A 45 -2.32 7.26 15.92
C THR A 45 -1.89 8.25 14.81
N PHE A 46 -0.63 8.64 14.84
CA PHE A 46 -0.04 9.56 13.86
C PHE A 46 1.04 8.80 13.07
N VAL A 47 1.02 8.96 11.75
CA VAL A 47 1.89 8.20 10.82
C VAL A 47 2.97 9.10 10.20
N HIS A 48 4.21 8.85 10.59
CA HIS A 48 5.35 9.63 10.10
C HIS A 48 5.85 9.12 8.76
N GLU A 49 5.10 9.45 7.70
CA GLU A 49 5.41 8.99 6.32
C GLU A 49 4.86 9.96 5.31
N SER A 50 5.32 9.87 4.07
CA SER A 50 4.79 10.71 2.98
C SER A 50 3.31 10.41 2.76
N LEU A 51 2.58 11.41 2.31
CA LEU A 51 1.18 11.28 2.01
C LEU A 51 0.94 10.27 0.90
N ALA A 52 1.83 10.26 -0.09
CA ALA A 52 1.74 9.32 -1.22
C ALA A 52 1.97 7.88 -0.73
N ASP A 53 2.97 7.70 0.14
CA ASP A 53 3.20 6.40 0.74
C ASP A 53 1.92 5.87 1.43
N VAL A 54 1.34 6.68 2.30
CA VAL A 54 0.16 6.28 3.05
C VAL A 54 -1.07 6.07 2.15
N GLN A 55 -1.22 6.93 1.15
CA GLN A 55 -2.25 6.74 0.13
C GLN A 55 -2.01 5.47 -0.73
N ALA A 56 -0.77 5.21 -1.12
CA ALA A 56 -0.43 3.96 -1.82
C ALA A 56 -0.88 2.69 -1.07
N VAL A 57 -1.09 2.78 0.25
CA VAL A 57 -1.51 1.60 1.00
C VAL A 57 -2.88 1.15 0.49
N CYS A 58 -3.69 2.10 0.02
CA CYS A 58 -5.00 1.74 -0.52
C CYS A 58 -5.01 0.76 -1.69
N SER A 59 -3.84 0.48 -2.28
CA SER A 59 -3.76 -0.63 -3.24
C SER A 59 -2.72 -1.66 -2.86
N GLN A 60 -2.58 -1.89 -1.55
CA GLN A 60 -1.68 -2.92 -0.98
C GLN A 60 -2.50 -4.09 -0.41
N LYS A 61 -2.19 -4.64 0.77
CA LYS A 61 -2.79 -5.94 1.14
C LYS A 61 -4.20 -5.81 1.63
N ASN A 62 -5.18 -6.24 0.84
CA ASN A 62 -6.60 -6.17 1.26
C ASN A 62 -6.81 -7.09 2.47
N VAL A 63 -7.35 -6.53 3.56
CA VAL A 63 -7.62 -7.26 4.82
C VAL A 63 -8.94 -6.83 5.43
N ALA A 64 -9.56 -7.72 6.21
CA ALA A 64 -10.83 -7.40 6.86
C ALA A 64 -10.65 -6.27 7.84
N CYS A 65 -11.52 -5.28 7.75
CA CYS A 65 -11.65 -4.20 8.74
C CYS A 65 -12.21 -4.75 10.03
N LYS A 66 -11.94 -4.03 11.13
CA LYS A 66 -12.43 -4.42 12.44
C LYS A 66 -13.95 -4.51 12.55
N ASN A 67 -14.65 -3.73 11.74
CA ASN A 67 -16.11 -3.70 11.66
C ASN A 67 -16.69 -4.62 10.60
N GLY A 68 -15.90 -5.52 10.05
CA GLY A 68 -16.42 -6.52 9.12
C GLY A 68 -16.47 -6.11 7.67
N GLN A 69 -16.04 -4.89 7.37
CA GLN A 69 -15.99 -4.42 5.98
C GLN A 69 -14.72 -4.87 5.25
N THR A 70 -14.82 -4.95 3.93
CA THR A 70 -13.71 -5.41 3.08
C THR A 70 -12.78 -4.28 2.55
N ASN A 71 -13.05 -3.02 2.89
CA ASN A 71 -12.29 -1.88 2.35
C ASN A 71 -11.08 -1.41 3.21
N CYS A 72 -10.50 -2.32 4.01
CA CYS A 72 -9.23 -2.11 4.69
C CYS A 72 -8.02 -2.74 3.96
N TYR A 73 -6.85 -2.09 4.11
CA TYR A 73 -5.60 -2.54 3.48
C TYR A 73 -4.48 -2.43 4.46
N GLN A 74 -3.55 -3.37 4.41
CA GLN A 74 -2.39 -3.36 5.31
C GLN A 74 -1.13 -2.99 4.52
N SER A 75 -0.26 -2.18 5.14
CA SER A 75 0.99 -1.76 4.53
C SER A 75 1.91 -2.96 4.33
N TYR A 76 2.58 -3.02 3.19
CA TYR A 76 3.54 -4.10 2.95
C TYR A 76 4.77 -3.98 3.82
N SER A 77 5.31 -2.78 3.97
CA SER A 77 6.43 -2.59 4.89
C SER A 77 5.92 -1.82 6.08
N THR A 78 6.71 -1.84 7.15
CA THR A 78 6.39 -1.08 8.34
C THR A 78 6.55 0.42 8.12
N MET A 79 5.83 1.17 8.94
CA MET A 79 5.89 2.61 8.93
C MET A 79 6.10 3.14 10.35
N SER A 80 6.63 4.37 10.39
CA SER A 80 6.89 5.06 11.65
C SER A 80 5.55 5.63 12.11
N ILE A 81 5.06 5.12 13.23
CA ILE A 81 3.82 5.63 13.81
C ILE A 81 4.10 6.08 15.22
N THR A 82 3.13 6.78 15.78
CA THR A 82 3.19 7.20 17.15
C THR A 82 1.80 6.98 17.72
N ASP A 83 1.67 6.03 18.63
CA ASP A 83 0.41 5.88 19.36
C ASP A 83 0.35 6.96 20.45
N CYS A 84 -0.75 7.71 20.47
CA CYS A 84 -1.15 8.56 21.60
C CYS A 84 -2.27 7.85 22.35
N ARG A 85 -2.04 7.59 23.64
CA ARG A 85 -3.05 7.06 24.57
C ARG A 85 -3.30 8.09 25.69
N GLU A 86 -4.55 8.20 26.13
CA GLU A 86 -4.97 9.12 27.20
C GLU A 86 -4.56 8.49 28.54
N THR A 87 -4.00 9.28 29.47
CA THR A 87 -3.60 8.79 30.82
C THR A 87 -4.80 8.65 31.81
N GLY A 88 -4.53 8.18 33.03
CA GLY A 88 -5.52 8.20 34.13
C GLY A 88 -5.91 9.60 34.57
N SER A 89 -4.90 10.42 34.91
CA SER A 89 -5.09 11.82 35.33
C SER A 89 -5.50 12.83 34.22
N SER A 90 -5.76 12.33 33.01
CA SER A 90 -6.35 13.13 31.95
C SER A 90 -7.81 13.45 32.32
N LYS A 91 -8.08 14.74 32.55
CA LYS A 91 -9.46 15.25 32.72
C LYS A 91 -9.67 16.34 31.69
N TYR A 92 -10.70 16.21 30.86
CA TYR A 92 -11.10 17.28 29.94
C TYR A 92 -11.37 18.54 30.77
N PRO A 93 -10.95 19.74 30.35
CA PRO A 93 -10.23 20.06 29.10
C PRO A 93 -8.70 20.01 29.20
N ASN A 94 -8.14 19.47 30.29
CA ASN A 94 -6.69 19.23 30.39
C ASN A 94 -6.47 17.80 29.95
N CYS A 95 -6.51 17.59 28.64
CA CYS A 95 -6.27 16.28 28.06
C CYS A 95 -4.76 16.03 28.01
N ALA A 96 -4.33 14.92 28.60
CA ALA A 96 -2.90 14.55 28.69
C ALA A 96 -2.67 13.18 28.06
N TYR A 97 -1.54 13.03 27.39
CA TYR A 97 -1.25 11.84 26.56
C TYR A 97 0.13 11.20 26.77
N LYS A 98 0.12 9.91 27.08
CA LYS A 98 1.30 9.06 26.99
C LYS A 98 1.66 8.85 25.52
N THR A 99 2.77 9.46 25.10
CA THR A 99 3.31 9.24 23.76
C THR A 99 3.99 7.87 23.71
N THR A 100 3.86 7.20 22.57
CA THR A 100 4.55 5.91 22.35
C THR A 100 4.93 5.77 20.88
N GLN A 101 6.18 5.37 20.65
CA GLN A 101 6.75 5.26 19.32
C GLN A 101 6.95 3.79 18.95
N ALA A 102 6.81 3.49 17.66
CA ALA A 102 7.06 2.14 17.13
C ALA A 102 7.20 2.15 15.61
N ASN A 103 7.75 1.07 15.07
CA ASN A 103 7.63 0.71 13.64
C ASN A 103 6.76 -0.52 13.44
N LYS A 104 5.55 -0.30 12.96
CA LYS A 104 4.60 -1.35 12.73
C LYS A 104 4.01 -1.18 11.35
N HIS A 105 3.45 -2.25 10.80
CA HIS A 105 2.64 -2.10 9.61
C HIS A 105 1.43 -1.28 10.05
N ILE A 106 0.84 -0.49 9.14
CA ILE A 106 -0.45 0.14 9.44
C ILE A 106 -1.54 -0.55 8.67
N ILE A 107 -2.77 -0.51 9.21
CA ILE A 107 -3.93 -0.86 8.42
C ILE A 107 -4.90 0.29 8.37
N VAL A 108 -5.34 0.63 7.16
CA VAL A 108 -6.31 1.73 6.92
C VAL A 108 -7.48 1.26 6.10
N ALA A 109 -8.59 2.01 6.17
CA ALA A 109 -9.76 1.82 5.31
C ALA A 109 -9.77 2.90 4.24
N CYS A 110 -10.03 2.51 3.00
CA CYS A 110 -10.06 3.46 1.93
C CYS A 110 -11.39 3.41 1.24
N GLU A 111 -11.72 4.54 0.63
CA GLU A 111 -12.94 4.71 -0.16
C GLU A 111 -12.77 5.95 -1.06
N GLY A 112 -13.62 6.03 -2.08
CA GLY A 112 -13.73 7.23 -2.90
C GLY A 112 -13.03 7.15 -4.25
N ASN A 113 -13.21 8.21 -5.04
CA ASN A 113 -12.54 8.34 -6.33
C ASN A 113 -11.91 9.73 -6.47
N PRO A 114 -10.59 9.85 -6.28
CA PRO A 114 -9.64 8.76 -6.13
C PRO A 114 -9.76 7.98 -4.82
N TYR A 115 -9.31 6.72 -4.86
CA TYR A 115 -9.41 5.80 -3.74
C TYR A 115 -8.31 6.15 -2.73
N VAL A 116 -8.72 6.66 -1.58
CA VAL A 116 -7.78 7.17 -0.58
C VAL A 116 -8.25 6.80 0.84
N PRO A 117 -7.33 6.86 1.83
CA PRO A 117 -7.68 6.55 3.21
C PRO A 117 -8.66 7.53 3.86
N VAL A 118 -9.58 6.98 4.64
CA VAL A 118 -10.55 7.77 5.41
C VAL A 118 -10.67 7.28 6.87
N HIS A 119 -9.63 6.60 7.37
CA HIS A 119 -9.73 5.79 8.59
C HIS A 119 -8.48 4.97 8.88
N PHE A 120 -8.08 4.96 10.15
CA PHE A 120 -6.97 4.17 10.65
C PHE A 120 -7.56 3.10 11.53
N ASP A 121 -7.34 1.86 11.12
CA ASP A 121 -7.96 0.73 11.75
C ASP A 121 -7.06 0.11 12.78
N ALA A 122 -5.75 0.04 12.51
CA ALA A 122 -4.84 -0.72 13.39
C ALA A 122 -3.40 -0.67 12.95
N SER A 123 -2.52 -0.94 13.90
CA SER A 123 -1.12 -1.15 13.59
C SER A 123 -0.81 -2.60 13.92
N VAL A 124 0.10 -3.21 13.19
CA VAL A 124 0.46 -4.60 13.41
C VAL A 124 1.96 -4.77 13.13
N LYS B 1 2.74 -18.06 6.53
CA LYS B 1 3.43 -17.74 5.24
C LYS B 1 2.63 -16.65 4.48
N GLU B 2 2.97 -16.42 3.21
CA GLU B 2 2.18 -15.57 2.30
C GLU B 2 1.71 -16.44 1.14
N THR B 3 0.43 -16.34 0.76
CA THR B 3 -0.06 -17.13 -0.38
C THR B 3 0.45 -16.62 -1.76
N ALA B 4 0.41 -17.52 -2.71
CA ALA B 4 0.85 -17.24 -4.07
C ALA B 4 0.04 -16.11 -4.69
N ALA B 5 -1.25 -16.08 -4.34
CA ALA B 5 -2.18 -15.01 -4.75
C ALA B 5 -1.85 -13.69 -4.10
N ALA B 6 -1.52 -13.69 -2.82
CA ALA B 6 -1.20 -12.42 -2.12
C ALA B 6 0.10 -11.91 -2.65
N LYS B 7 1.00 -12.87 -2.87
CA LYS B 7 2.29 -12.58 -3.47
C LYS B 7 2.17 -12.05 -4.91
N PHE B 8 1.16 -12.52 -5.67
CA PHE B 8 0.89 -11.94 -6.99
C PHE B 8 0.42 -10.49 -6.89
N GLU B 9 -0.41 -10.18 -5.90
CA GLU B 9 -0.91 -8.81 -5.75
C GLU B 9 0.21 -7.89 -5.27
N ARG B 10 1.07 -8.36 -4.38
CA ARG B 10 2.15 -7.52 -3.86
C ARG B 10 3.11 -7.09 -4.96
N GLN B 11 3.37 -8.00 -5.91
CA GLN B 11 4.42 -7.80 -6.91
C GLN B 11 3.97 -7.26 -8.26
N HIS B 12 2.66 -7.29 -8.53
CA HIS B 12 2.13 -7.03 -9.89
C HIS B 12 0.83 -6.25 -10.00
N MET B 13 0.16 -5.99 -8.89
CA MET B 13 -1.06 -5.19 -8.95
C MET B 13 -0.72 -3.77 -8.55
N ASP B 14 -1.04 -2.80 -9.43
CA ASP B 14 -1.14 -1.40 -9.02
C ASP B 14 -2.42 -0.71 -9.45
N SER B 15 -3.51 -0.91 -8.69
CA SER B 15 -4.82 -0.35 -9.09
C SER B 15 -5.00 1.19 -8.91
N SER B 16 -4.22 1.82 -8.02
CA SER B 16 -4.22 3.29 -7.81
C SER B 16 -4.37 4.10 -9.12
N THR B 17 -3.38 3.93 -9.98
CA THR B 17 -3.19 4.74 -11.19
C THR B 17 -3.35 3.88 -12.44
N SER B 18 -3.72 4.53 -13.55
CA SER B 18 -3.85 3.85 -14.85
C SER B 18 -2.57 3.83 -15.70
N ALA B 19 -1.46 4.41 -15.23
CA ALA B 19 -0.18 4.44 -15.98
C ALA B 19 1.03 4.73 -15.05
N ALA B 20 2.19 5.09 -15.63
CA ALA B 20 3.38 5.48 -14.84
C ALA B 20 3.75 6.93 -15.21
N SER B 21 3.33 7.87 -14.37
CA SER B 21 3.55 9.28 -14.67
C SER B 21 5.05 9.59 -14.48
N SER B 22 5.50 9.64 -13.22
CA SER B 22 6.92 9.85 -12.93
C SER B 22 7.75 8.66 -13.41
N SER B 23 8.98 8.93 -13.81
CA SER B 23 9.92 7.88 -14.20
C SER B 23 10.71 7.39 -12.99
N ASN B 24 10.36 7.90 -11.80
CA ASN B 24 10.83 7.37 -10.53
C ASN B 24 9.81 6.36 -9.95
N TYR B 25 8.80 6.00 -10.75
CA TYR B 25 7.79 5.07 -10.34
C TYR B 25 8.41 3.75 -9.89
N CYS B 26 9.20 3.15 -10.76
CA CYS B 26 9.77 1.81 -10.52
C CYS B 26 10.70 1.77 -9.30
N ASN B 27 11.69 2.67 -9.24
CA ASN B 27 12.57 2.81 -8.06
C ASN B 27 11.78 2.89 -6.77
N GLN B 28 10.65 3.58 -6.79
CA GLN B 28 9.80 3.62 -5.61
C GLN B 28 9.06 2.32 -5.43
N MET B 29 8.21 1.95 -6.40
CA MET B 29 7.35 0.75 -6.29
C MET B 29 8.11 -0.55 -5.99
N MET B 30 9.29 -0.71 -6.60
CA MET B 30 10.17 -1.84 -6.29
C MET B 30 10.59 -1.90 -4.81
N LYS B 31 11.00 -0.74 -4.26
CA LYS B 31 11.20 -0.58 -2.82
C LYS B 31 9.90 -0.81 -2.06
N SER B 32 8.89 -0.01 -2.39
CA SER B 32 7.58 -0.06 -1.71
C SER B 32 7.10 -1.48 -1.50
N ARG B 33 7.25 -2.33 -2.52
CA ARG B 33 6.71 -3.68 -2.47
C ARG B 33 7.73 -4.73 -2.06
N ASN B 34 8.76 -4.35 -1.29
CA ASN B 34 9.81 -5.25 -0.77
C ASN B 34 10.57 -6.06 -1.80
N LEU B 35 10.66 -5.54 -3.02
CA LEU B 35 11.38 -6.24 -4.08
C LEU B 35 12.87 -5.85 -4.11
N THR B 36 13.24 -4.79 -3.36
CA THR B 36 14.65 -4.44 -3.11
C THR B 36 15.16 -4.84 -1.71
N LYS B 37 14.53 -5.82 -1.08
CA LYS B 37 14.82 -6.13 0.31
C LYS B 37 16.24 -6.68 0.42
N ASP B 38 16.48 -7.87 -0.11
CA ASP B 38 17.78 -8.53 0.03
C ASP B 38 18.63 -8.40 -1.21
N ARG B 39 17.97 -8.37 -2.36
CA ARG B 39 18.60 -8.25 -3.66
C ARG B 39 17.78 -7.25 -4.44
N CYS B 40 18.31 -6.74 -5.54
CA CYS B 40 17.51 -5.92 -6.43
C CYS B 40 16.88 -6.87 -7.41
N LYS B 41 15.56 -7.01 -7.35
CA LYS B 41 14.81 -7.88 -8.28
C LYS B 41 15.01 -7.33 -9.68
N PRO B 42 15.58 -8.14 -10.58
CA PRO B 42 16.02 -7.56 -11.87
C PRO B 42 14.93 -7.06 -12.80
N VAL B 43 13.85 -7.80 -13.00
CA VAL B 43 12.74 -7.32 -13.79
C VAL B 43 11.42 -7.61 -13.10
N ASN B 44 10.51 -6.65 -13.15
CA ASN B 44 9.17 -6.81 -12.61
C ASN B 44 8.11 -5.98 -13.38
N THR B 45 6.91 -6.51 -13.51
CA THR B 45 5.84 -5.79 -14.21
C THR B 45 4.69 -5.52 -13.26
N PHE B 46 4.14 -4.30 -13.34
CA PHE B 46 2.95 -3.92 -12.57
C PHE B 46 1.74 -3.64 -13.47
N VAL B 47 0.61 -4.26 -13.15
CA VAL B 47 -0.63 -4.09 -13.93
C VAL B 47 -1.55 -3.02 -13.33
N HIS B 48 -2.04 -2.12 -14.18
CA HIS B 48 -2.82 -0.93 -13.79
C HIS B 48 -4.30 -1.10 -14.18
N GLU B 49 -4.93 -2.09 -13.58
CA GLU B 49 -6.31 -2.44 -13.86
C GLU B 49 -6.94 -2.95 -12.59
N SER B 50 -8.27 -3.02 -12.59
CA SER B 50 -8.99 -3.52 -11.44
C SER B 50 -8.47 -4.90 -11.18
N LEU B 51 -8.39 -5.24 -9.90
CA LEU B 51 -8.16 -6.61 -9.49
C LEU B 51 -9.10 -7.55 -10.22
N ALA B 52 -10.34 -7.12 -10.36
CA ALA B 52 -11.34 -7.98 -10.97
C ALA B 52 -11.00 -8.26 -12.44
N ASP B 53 -10.66 -7.19 -13.17
CA ASP B 53 -10.27 -7.32 -14.57
C ASP B 53 -9.16 -8.35 -14.70
N VAL B 54 -8.13 -8.20 -13.86
CA VAL B 54 -6.99 -9.10 -13.87
C VAL B 54 -7.41 -10.49 -13.47
N GLN B 55 -8.20 -10.60 -12.40
CA GLN B 55 -8.66 -11.94 -11.97
C GLN B 55 -9.36 -12.72 -13.10
N ALA B 56 -10.12 -11.98 -13.90
CA ALA B 56 -10.91 -12.53 -15.01
C ALA B 56 -10.07 -13.09 -16.18
N VAL B 57 -8.80 -12.72 -16.24
CA VAL B 57 -7.90 -13.30 -17.22
C VAL B 57 -7.86 -14.85 -17.07
N CYS B 58 -7.92 -15.34 -15.83
CA CYS B 58 -8.10 -16.79 -15.60
C CYS B 58 -9.25 -17.46 -16.36
N SER B 59 -10.27 -16.70 -16.76
CA SER B 59 -11.33 -17.27 -17.58
C SER B 59 -11.21 -16.88 -19.08
N GLN B 60 -10.02 -16.48 -19.53
CA GLN B 60 -9.82 -16.04 -20.92
C GLN B 60 -8.89 -17.03 -21.68
N LYS B 61 -8.01 -16.55 -22.59
CA LYS B 61 -7.35 -17.45 -23.56
C LYS B 61 -6.35 -18.38 -22.92
N ASN B 62 -6.71 -19.66 -22.81
CA ASN B 62 -5.79 -20.62 -22.24
C ASN B 62 -4.58 -20.80 -23.15
N VAL B 63 -3.41 -20.69 -22.53
CA VAL B 63 -2.11 -20.81 -23.22
C VAL B 63 -1.20 -21.63 -22.33
N ALA B 64 -0.08 -22.11 -22.86
CA ALA B 64 0.96 -22.72 -22.00
C ALA B 64 1.82 -21.66 -21.34
N CYS B 65 2.48 -22.05 -20.26
CA CYS B 65 3.38 -21.15 -19.56
C CYS B 65 4.78 -21.40 -20.14
N LYS B 66 5.69 -20.44 -19.92
CA LYS B 66 7.15 -20.64 -20.10
C LYS B 66 7.64 -22.02 -19.63
N ASN B 67 7.38 -22.35 -18.37
CA ASN B 67 7.94 -23.58 -17.75
C ASN B 67 7.33 -24.87 -18.27
N GLY B 68 6.22 -24.78 -18.99
CA GLY B 68 5.65 -25.92 -19.67
C GLY B 68 4.32 -26.36 -19.12
N GLN B 69 3.88 -25.78 -18.01
CA GLN B 69 2.52 -26.05 -17.50
C GLN B 69 1.45 -25.42 -18.42
N THR B 70 0.21 -25.86 -18.31
CA THR B 70 -0.85 -25.40 -19.21
C THR B 70 -1.95 -24.62 -18.47
N ASN B 71 -1.62 -24.10 -17.28
CA ASN B 71 -2.53 -23.30 -16.44
C ASN B 71 -2.26 -21.78 -16.55
N CYS B 72 -1.91 -21.36 -17.76
CA CYS B 72 -1.65 -19.99 -18.04
C CYS B 72 -2.74 -19.53 -18.95
N TYR B 73 -2.94 -18.21 -18.95
CA TYR B 73 -4.07 -17.56 -19.61
C TYR B 73 -3.60 -16.20 -20.09
N GLN B 74 -3.97 -15.87 -21.32
CA GLN B 74 -3.61 -14.62 -21.89
C GLN B 74 -4.84 -13.71 -21.84
N SER B 75 -4.62 -12.47 -21.41
CA SER B 75 -5.67 -11.49 -21.35
C SER B 75 -6.14 -11.20 -22.78
N TYR B 76 -7.43 -11.35 -23.02
CA TYR B 76 -7.99 -11.06 -24.34
C TYR B 76 -7.69 -9.60 -24.74
N SER B 77 -7.97 -8.67 -23.86
CA SER B 77 -7.64 -7.28 -24.08
C SER B 77 -6.21 -7.02 -23.65
N THR B 78 -5.68 -5.89 -24.13
CA THR B 78 -4.45 -5.32 -23.61
C THR B 78 -4.77 -4.54 -22.38
N MET B 79 -3.80 -4.41 -21.47
CA MET B 79 -4.02 -3.68 -20.21
C MET B 79 -2.92 -2.68 -20.07
N SER B 80 -3.15 -1.71 -19.19
CA SER B 80 -2.11 -0.77 -18.82
C SER B 80 -1.18 -1.51 -17.87
N ILE B 81 0.10 -1.60 -18.26
CA ILE B 81 1.16 -2.16 -17.41
C ILE B 81 2.40 -1.23 -17.34
N THR B 82 3.30 -1.49 -16.39
CA THR B 82 4.61 -0.79 -16.31
C THR B 82 5.71 -1.85 -16.17
N ASP B 83 6.60 -1.93 -17.16
CA ASP B 83 7.77 -2.79 -17.07
C ASP B 83 8.77 -2.04 -16.27
N CYS B 84 9.24 -2.63 -15.17
CA CYS B 84 10.41 -2.14 -14.39
C CYS B 84 11.63 -3.00 -14.65
N ARG B 85 12.78 -2.39 -14.89
CA ARG B 85 13.98 -3.16 -15.21
C ARG B 85 15.28 -2.49 -14.72
N GLU B 86 16.08 -3.23 -13.95
CA GLU B 86 17.36 -2.74 -13.47
C GLU B 86 18.21 -2.15 -14.60
N THR B 87 18.83 -1.01 -14.33
CA THR B 87 19.83 -0.45 -15.22
C THR B 87 21.09 -1.31 -15.08
N GLY B 88 21.97 -1.21 -16.07
CA GLY B 88 23.32 -1.78 -15.96
C GLY B 88 24.03 -1.23 -14.73
N SER B 89 23.83 0.07 -14.46
CA SER B 89 24.47 0.73 -13.33
C SER B 89 24.04 0.18 -11.97
N SER B 90 22.80 -0.30 -11.83
CA SER B 90 22.22 -0.58 -10.51
C SER B 90 23.10 -1.47 -9.63
N LYS B 91 23.36 -1.02 -8.41
CA LYS B 91 24.16 -1.75 -7.43
C LYS B 91 23.41 -1.77 -6.08
N TYR B 92 23.17 -2.97 -5.54
CA TYR B 92 22.51 -3.14 -4.23
C TYR B 92 23.31 -2.49 -3.08
N PRO B 93 22.70 -1.78 -2.11
CA PRO B 93 21.25 -1.54 -1.99
C PRO B 93 20.64 -0.39 -2.82
N ASN B 94 21.47 0.47 -3.42
N ASN B 94 21.47 0.48 -3.41
CA ASN B 94 21.00 1.56 -4.27
CA ASN B 94 20.98 1.58 -4.25
C ASN B 94 20.42 1.02 -5.57
C ASN B 94 20.41 1.03 -5.58
N CYS B 95 19.26 0.36 -5.50
CA CYS B 95 18.61 -0.28 -6.67
C CYS B 95 17.94 0.78 -7.55
N ALA B 96 18.26 0.70 -8.84
CA ALA B 96 17.78 1.66 -9.83
C ALA B 96 17.12 0.91 -11.05
N TYR B 97 15.97 1.43 -11.45
CA TYR B 97 15.10 0.81 -12.40
C TYR B 97 14.66 1.87 -13.42
N LYS B 98 14.86 1.59 -14.70
CA LYS B 98 14.12 2.30 -15.76
C LYS B 98 12.64 1.92 -15.67
N THR B 99 11.77 2.91 -15.90
CA THR B 99 10.32 2.76 -15.89
C THR B 99 9.85 2.78 -17.34
N THR B 100 8.94 1.89 -17.72
CA THR B 100 8.37 1.92 -19.08
C THR B 100 6.89 1.59 -19.03
N GLN B 101 6.09 2.39 -19.73
CA GLN B 101 4.62 2.32 -19.69
C GLN B 101 4.13 1.75 -21.00
N ALA B 102 3.18 0.83 -20.92
CA ALA B 102 2.68 0.16 -22.12
C ALA B 102 1.27 -0.35 -21.98
N ASN B 103 0.66 -0.65 -23.13
CA ASN B 103 -0.64 -1.31 -23.24
C ASN B 103 -0.40 -2.65 -23.86
N LYS B 104 -0.57 -3.73 -23.11
CA LYS B 104 -0.12 -5.03 -23.56
C LYS B 104 -0.97 -6.13 -22.94
N HIS B 105 -1.04 -7.30 -23.57
CA HIS B 105 -1.82 -8.42 -23.03
C HIS B 105 -0.95 -9.09 -21.99
N ILE B 106 -1.54 -9.43 -20.86
CA ILE B 106 -0.83 -10.08 -19.79
C ILE B 106 -1.12 -11.56 -19.89
N ILE B 107 -0.12 -12.36 -19.52
CA ILE B 107 -0.28 -13.79 -19.42
C ILE B 107 0.08 -14.18 -18.02
N VAL B 108 -0.86 -14.84 -17.34
CA VAL B 108 -0.71 -15.22 -15.95
C VAL B 108 -0.90 -16.71 -15.79
N ALA B 109 -0.46 -17.24 -14.65
CA ALA B 109 -0.78 -18.60 -14.25
C ALA B 109 -1.77 -18.54 -13.12
N CYS B 110 -2.81 -19.34 -13.24
CA CYS B 110 -3.93 -19.31 -12.30
C CYS B 110 -4.05 -20.63 -11.53
N GLU B 111 -4.48 -20.54 -10.27
CA GLU B 111 -4.60 -21.69 -9.40
C GLU B 111 -5.60 -21.46 -8.26
N GLY B 112 -5.96 -22.56 -7.58
CA GLY B 112 -6.67 -22.57 -6.29
C GLY B 112 -8.13 -22.23 -6.44
N ASN B 113 -8.89 -22.24 -5.33
CA ASN B 113 -10.32 -21.80 -5.32
C ASN B 113 -10.59 -20.71 -4.26
N PRO B 114 -10.88 -19.46 -4.67
CA PRO B 114 -11.16 -19.06 -6.05
C PRO B 114 -9.97 -19.15 -7.00
N TYR B 115 -10.31 -19.29 -8.29
CA TYR B 115 -9.35 -19.55 -9.36
C TYR B 115 -8.75 -18.22 -9.82
N VAL B 116 -7.56 -17.91 -9.28
CA VAL B 116 -6.94 -16.59 -9.41
C VAL B 116 -5.46 -16.62 -9.83
N PRO B 117 -4.93 -15.47 -10.33
CA PRO B 117 -3.50 -15.39 -10.67
C PRO B 117 -2.53 -15.69 -9.51
N VAL B 118 -1.45 -16.38 -9.83
CA VAL B 118 -0.38 -16.66 -8.89
C VAL B 118 0.95 -16.46 -9.58
N HIS B 119 0.94 -15.83 -10.74
CA HIS B 119 2.15 -15.82 -11.56
C HIS B 119 2.00 -14.96 -12.78
N PHE B 120 2.91 -14.00 -12.92
CA PHE B 120 3.04 -13.24 -14.12
C PHE B 120 4.03 -13.98 -14.99
N ASP B 121 3.54 -14.54 -16.09
CA ASP B 121 4.38 -15.32 -16.94
C ASP B 121 5.11 -14.45 -17.95
N ALA B 122 4.42 -13.43 -18.47
CA ALA B 122 4.89 -12.57 -19.57
C ALA B 122 3.83 -11.52 -19.95
N SER B 123 4.25 -10.50 -20.71
CA SER B 123 3.34 -9.58 -21.38
C SER B 123 3.72 -9.53 -22.85
N VAL B 124 2.75 -9.68 -23.73
CA VAL B 124 3.03 -9.78 -25.17
C VAL B 124 2.34 -8.68 -25.97
PD PD C . 6.13 -7.52 8.53
OAU F6Q D . -18.18 12.06 7.44
SAV F6Q D . -16.86 12.00 8.21
OAS F6Q D . -17.11 12.05 9.71
OAT F6Q D . -15.95 13.14 7.76
CAP F6Q D . -15.94 10.49 7.83
CAO F6Q D . -17.07 9.53 8.02
CAN F6Q D . -16.66 8.45 8.93
NAM F6Q D . -15.30 7.75 8.91
CAB F6Q D . -15.28 6.59 8.21
CAC F6Q D . -16.01 6.18 7.15
CAD F6Q D . -15.74 4.96 6.49
CAE F6Q D . -14.76 4.16 7.05
CAF F6Q D . -14.13 4.56 8.21
CAA F6Q D . -14.37 5.76 8.76
NAL F6Q D . -13.82 6.40 9.78
CAG F6Q D . -14.48 7.55 9.96
CAH F6Q D . -14.14 8.38 10.99
NAQ F6Q D . -13.18 7.92 11.80
CAI F6Q D . -12.73 8.66 12.92
CAK F6Q D . -13.24 9.93 13.17
CAJ F6Q D . -14.19 10.44 12.31
CAR F6Q D . -14.64 9.67 11.24
PD F6Q D . -12.48 6.11 11.27
PD PD E . -3.24 -7.33 -29.73
OAU F6Q F . 5.10 -20.74 -2.04
SAV F6Q F . 4.89 -19.42 -2.79
OAS F6Q F . 6.24 -18.97 -3.35
OAT F6Q F . 4.33 -18.37 -1.82
CAP F6Q F . 3.71 -19.70 -4.20
CAO F6Q F . 4.56 -20.42 -5.24
CAN F6Q F . 5.09 -19.29 -6.10
NAM F6Q F . 4.75 -19.35 -7.56
CAB F6Q F . 3.99 -20.05 -8.41
CAC F6Q F . 3.11 -21.02 -8.20
CAD F6Q F . 2.43 -21.58 -9.28
CAE F6Q F . 2.66 -21.12 -10.56
CAF F6Q F . 3.62 -20.14 -10.73
CAA F6Q F . 4.24 -19.61 -9.67
NAL F6Q F . 5.16 -18.66 -9.60
CAG F6Q F . 5.45 -18.51 -8.31
CAH F6Q F . 6.36 -17.65 -7.86
NAQ F6Q F . 6.86 -16.79 -8.73
CAI F6Q F . 7.92 -15.93 -8.49
CAK F6Q F . 8.31 -15.77 -7.17
CAJ F6Q F . 7.72 -16.58 -6.21
CAR F6Q F . 6.71 -17.49 -6.52
CL2 F6Q F . 6.91 -15.01 -11.36
PD F6Q F . 5.90 -17.23 -10.31
#